data_1AD4
#
_entry.id   1AD4
#
_cell.length_a   65.748
_cell.length_b   42.142
_cell.length_c   99.040
_cell.angle_alpha   90.00
_cell.angle_beta   106.06
_cell.angle_gamma   90.00
#
_symmetry.space_group_name_H-M   'P 1 21 1'
#
loop_
_entity.id
_entity.type
_entity.pdbx_description
1 polymer 'DIHYDROPTEROATE SYNTHETASE'
2 non-polymer 'MANGANESE (II) ION'
3 non-polymer 'POTASSIUM ION'
4 non-polymer 6-HYDROXYMETHYLPTERIN-DIPHOSPHATE
5 water water
#
_entity_poly.entity_id   1
_entity_poly.type   'polypeptide(L)'
_entity_poly.pdbx_seq_one_letter_code
;TKTKIMGILNVTPDSFSDGGKFNNVESAVTRVKAMMDEGADIIDVGGVSTRPGHEMITVEEELNRVLPVVEAIVGFDVKI
SVDTFRSEVAEACLKLGVDIINDQWAGLYDHRMFQVVAKYDAEIVLMHNGNGNRDEPVVEEMLTSLLAQAHQAKIAGIPS
NKIWLDPGIGFAKTRNEEAEVMARLDELVATEYPVLLATSRKRFTKEMMGYDTTPVERDEVTAATTAYGIMKGVRAVRVH
NVELNAKLAKGIDFLKENENARHNFS
;
_entity_poly.pdbx_strand_id   A,B
#
# COMPACT_ATOMS: atom_id res chain seq x y z
N THR A 1 -4.69 -7.27 -16.77
CA THR A 1 -4.96 -8.41 -15.85
C THR A 1 -4.61 -7.94 -14.43
N LYS A 2 -5.31 -8.49 -13.45
CA LYS A 2 -5.10 -8.03 -12.10
C LYS A 2 -4.10 -8.84 -11.32
N THR A 3 -3.78 -8.34 -10.13
CA THR A 3 -2.87 -9.02 -9.24
C THR A 3 -3.77 -10.03 -8.54
N LYS A 4 -3.31 -11.26 -8.45
CA LYS A 4 -4.08 -12.32 -7.85
C LYS A 4 -3.85 -12.30 -6.38
N ILE A 5 -4.88 -12.70 -5.64
CA ILE A 5 -4.87 -12.74 -4.20
C ILE A 5 -5.02 -14.20 -3.82
N MET A 6 -3.97 -14.74 -3.21
CA MET A 6 -3.93 -16.11 -2.77
C MET A 6 -4.11 -16.05 -1.27
N GLY A 7 -5.24 -16.52 -0.76
CA GLY A 7 -5.48 -16.49 0.67
C GLY A 7 -4.86 -17.71 1.32
N ILE A 8 -4.38 -17.56 2.55
CA ILE A 8 -3.76 -18.67 3.29
C ILE A 8 -4.74 -19.43 4.18
N LEU A 9 -4.84 -20.75 3.95
CA LEU A 9 -5.70 -21.61 4.76
C LEU A 9 -4.81 -22.68 5.43
N ASN A 10 -4.50 -22.44 6.71
CA ASN A 10 -3.64 -23.34 7.50
C ASN A 10 -4.44 -24.46 8.14
N VAL A 11 -4.04 -25.70 7.91
CA VAL A 11 -4.75 -26.85 8.47
C VAL A 11 -3.89 -27.67 9.42
N ASN A 24 -10.46 -28.89 12.02
CA ASN A 24 -11.63 -29.58 11.47
C ASN A 24 -12.20 -29.02 10.15
N VAL A 25 -12.90 -29.87 9.40
CA VAL A 25 -13.45 -29.54 8.09
C VAL A 25 -14.56 -28.49 7.97
N GLU A 26 -15.48 -28.42 8.93
CA GLU A 26 -16.49 -27.39 8.76
C GLU A 26 -15.84 -26.02 9.04
N SER A 27 -15.02 -25.94 10.09
CA SER A 27 -14.29 -24.71 10.43
C SER A 27 -13.54 -24.18 9.21
N ALA A 28 -12.94 -25.08 8.43
CA ALA A 28 -12.18 -24.68 7.25
C ALA A 28 -13.05 -24.18 6.12
N VAL A 29 -14.18 -24.83 5.89
CA VAL A 29 -15.07 -24.41 4.82
C VAL A 29 -15.58 -23.00 5.11
N THR A 30 -15.88 -22.73 6.38
CA THR A 30 -16.37 -21.42 6.79
C THR A 30 -15.36 -20.34 6.42
N ARG A 31 -14.11 -20.58 6.77
CA ARG A 31 -13.05 -19.63 6.52
C ARG A 31 -12.76 -19.44 5.02
N VAL A 32 -13.01 -20.46 4.20
CA VAL A 32 -12.79 -20.39 2.76
C VAL A 32 -13.88 -19.51 2.16
N LYS A 33 -15.11 -19.67 2.64
CA LYS A 33 -16.20 -18.88 2.12
C LYS A 33 -15.90 -17.40 2.30
N ALA A 34 -15.56 -17.03 3.54
CA ALA A 34 -15.20 -15.65 3.90
C ALA A 34 -14.09 -15.08 3.00
N MET A 35 -13.03 -15.87 2.77
CA MET A 35 -11.89 -15.45 1.94
C MET A 35 -12.34 -15.17 0.50
N MET A 36 -13.26 -16.00 0.01
CA MET A 36 -13.80 -15.83 -1.34
C MET A 36 -14.56 -14.52 -1.40
N ASP A 37 -15.28 -14.23 -0.32
CA ASP A 37 -16.06 -13.03 -0.26
C ASP A 37 -15.18 -11.80 -0.18
N GLU A 38 -14.05 -11.91 0.52
CA GLU A 38 -13.14 -10.79 0.66
C GLU A 38 -12.33 -10.52 -0.59
N GLY A 39 -12.47 -11.36 -1.61
CA GLY A 39 -11.73 -11.14 -2.85
C GLY A 39 -10.67 -12.16 -3.23
N ALA A 40 -10.61 -13.29 -2.55
CA ALA A 40 -9.62 -14.31 -2.89
C ALA A 40 -9.79 -15.02 -4.24
N ASP A 41 -8.71 -15.05 -5.01
CA ASP A 41 -8.69 -15.71 -6.32
C ASP A 41 -8.26 -17.17 -6.14
N ILE A 42 -7.46 -17.39 -5.11
CA ILE A 42 -6.89 -18.69 -4.78
C ILE A 42 -6.94 -18.88 -3.28
N ILE A 43 -7.09 -20.13 -2.87
CA ILE A 43 -7.06 -20.48 -1.47
C ILE A 43 -5.88 -21.45 -1.46
N ASP A 44 -4.88 -21.17 -0.66
CA ASP A 44 -3.69 -22.01 -0.56
C ASP A 44 -3.80 -22.82 0.74
N VAL A 45 -3.92 -24.14 0.60
CA VAL A 45 -4.08 -25.07 1.72
C VAL A 45 -2.76 -25.78 2.03
N GLY A 46 -2.33 -25.71 3.28
CA GLY A 46 -1.15 -26.37 3.75
C GLY A 46 -1.47 -26.59 5.23
N GLY A 47 -0.73 -27.64 5.58
CA GLY A 47 -0.45 -28.46 6.76
C GLY A 47 1.02 -28.79 7.13
N VAL A 48 2.01 -28.26 6.41
CA VAL A 48 3.41 -28.54 6.69
C VAL A 48 4.24 -27.26 6.68
N SER A 49 5.49 -27.39 7.10
CA SER A 49 6.42 -26.29 7.16
C SER A 49 7.80 -26.83 6.81
N THR A 50 8.64 -26.01 6.19
CA THR A 50 10.00 -26.45 5.89
C THR A 50 11.01 -25.70 6.75
N ARG A 51 10.52 -25.12 7.85
CA ARG A 51 11.38 -24.40 8.78
C ARG A 51 12.09 -25.40 9.69
N PRO A 52 13.43 -25.43 9.67
CA PRO A 52 14.17 -26.35 10.54
C PRO A 52 13.72 -25.95 11.96
N GLY A 53 13.59 -26.91 12.87
CA GLY A 53 13.12 -26.58 14.21
C GLY A 53 11.60 -26.71 14.35
N HIS A 54 10.93 -26.93 13.21
CA HIS A 54 9.48 -27.10 13.21
C HIS A 54 9.09 -28.58 13.20
N GLU A 55 7.86 -28.91 13.59
CA GLU A 55 7.45 -30.31 13.57
C GLU A 55 7.46 -30.84 12.12
N MET A 56 7.88 -32.09 11.99
CA MET A 56 7.93 -32.78 10.70
C MET A 56 6.82 -33.82 10.87
N ILE A 57 6.08 -34.12 9.82
CA ILE A 57 5.02 -35.12 9.94
C ILE A 57 5.12 -36.07 8.78
N THR A 58 4.37 -37.16 8.82
CA THR A 58 4.41 -38.14 7.75
C THR A 58 3.57 -37.71 6.57
N VAL A 59 3.76 -38.41 5.46
CA VAL A 59 3.01 -38.18 4.25
C VAL A 59 1.54 -38.46 4.64
N GLU A 60 1.34 -39.59 5.32
CA GLU A 60 0.03 -40.03 5.80
C GLU A 60 -0.67 -39.00 6.71
N GLU A 61 0.08 -38.32 7.57
CA GLU A 61 -0.52 -37.34 8.49
C GLU A 61 -0.87 -36.10 7.70
N GLU A 62 -0.01 -35.78 6.74
CA GLU A 62 -0.27 -34.62 5.90
C GLU A 62 -1.61 -34.91 5.21
N LEU A 63 -1.76 -36.11 4.64
CA LEU A 63 -2.99 -36.51 3.98
C LEU A 63 -4.24 -36.37 4.87
N ASN A 64 -4.20 -36.92 6.08
CA ASN A 64 -5.35 -36.82 6.97
C ASN A 64 -5.71 -35.36 7.23
N ARG A 65 -4.68 -34.53 7.35
CA ARG A 65 -4.90 -33.13 7.61
C ARG A 65 -5.40 -32.36 6.38
N VAL A 66 -4.75 -32.62 5.25
CA VAL A 66 -5.04 -31.93 4.00
C VAL A 66 -6.18 -32.46 3.14
N LEU A 67 -6.16 -33.74 2.78
CA LEU A 67 -7.23 -34.26 1.93
C LEU A 67 -8.68 -33.98 2.31
N PRO A 68 -9.07 -34.16 3.59
CA PRO A 68 -10.50 -33.87 3.81
C PRO A 68 -10.92 -32.42 3.57
N VAL A 69 -9.99 -31.48 3.71
CA VAL A 69 -10.29 -30.07 3.52
C VAL A 69 -10.41 -29.72 2.04
N VAL A 70 -9.46 -30.21 1.24
CA VAL A 70 -9.44 -29.97 -0.20
C VAL A 70 -10.72 -30.51 -0.86
N GLU A 71 -11.09 -31.72 -0.45
CA GLU A 71 -12.27 -32.43 -0.93
C GLU A 71 -13.53 -31.60 -0.79
N ALA A 72 -13.67 -30.97 0.38
CA ALA A 72 -14.80 -30.11 0.70
C ALA A 72 -14.74 -28.71 0.10
N ILE A 73 -13.60 -28.28 -0.43
CA ILE A 73 -13.59 -26.93 -0.96
C ILE A 73 -13.24 -26.90 -2.43
N VAL A 74 -12.85 -28.02 -3.00
CA VAL A 74 -12.48 -27.98 -4.39
C VAL A 74 -13.64 -27.59 -5.33
N GLY A 75 -14.88 -27.79 -4.89
CA GLY A 75 -16.01 -27.43 -5.72
C GLY A 75 -16.30 -25.94 -5.87
N PHE A 76 -15.88 -25.15 -4.88
CA PHE A 76 -16.12 -23.72 -4.89
C PHE A 76 -15.57 -23.00 -6.08
N ASP A 77 -16.07 -21.80 -6.34
CA ASP A 77 -15.58 -21.02 -7.47
C ASP A 77 -14.42 -20.14 -7.05
N VAL A 78 -13.30 -20.82 -6.81
CA VAL A 78 -12.06 -20.21 -6.41
C VAL A 78 -11.00 -21.26 -6.71
N LYS A 79 -9.81 -20.82 -7.06
CA LYS A 79 -8.76 -21.79 -7.33
C LYS A 79 -8.20 -22.26 -6.02
N ILE A 80 -7.75 -23.51 -6.05
CA ILE A 80 -7.19 -24.16 -4.90
C ILE A 80 -5.73 -24.53 -5.20
N SER A 81 -4.87 -24.15 -4.27
CA SER A 81 -3.45 -24.43 -4.34
C SER A 81 -3.15 -25.27 -3.09
N VAL A 82 -2.23 -26.21 -3.18
CA VAL A 82 -1.86 -26.99 -2.00
C VAL A 82 -0.38 -26.83 -1.73
N ASP A 83 -0.07 -26.37 -0.51
CA ASP A 83 1.30 -26.12 -0.03
C ASP A 83 1.90 -27.45 0.46
N THR A 84 2.62 -28.14 -0.43
CA THR A 84 3.24 -29.43 -0.13
C THR A 84 4.49 -29.59 -0.99
N PHE A 85 5.46 -30.33 -0.44
CA PHE A 85 6.74 -30.56 -1.12
C PHE A 85 6.97 -32.05 -1.46
N ARG A 86 5.94 -32.86 -1.25
CA ARG A 86 5.94 -34.32 -1.51
C ARG A 86 4.88 -34.61 -2.57
N SER A 87 5.27 -35.23 -3.68
CA SER A 87 4.37 -35.50 -4.81
C SER A 87 3.23 -36.46 -4.56
N GLU A 88 3.30 -37.20 -3.46
CA GLU A 88 2.25 -38.15 -3.13
C GLU A 88 1.07 -37.38 -2.60
N VAL A 89 1.36 -36.33 -1.84
CA VAL A 89 0.32 -35.48 -1.28
C VAL A 89 -0.22 -34.66 -2.46
N ALA A 90 0.69 -34.21 -3.33
CA ALA A 90 0.32 -33.41 -4.50
C ALA A 90 -0.71 -34.13 -5.38
N GLU A 91 -0.37 -35.33 -5.82
CA GLU A 91 -1.24 -36.16 -6.66
C GLU A 91 -2.59 -36.42 -6.01
N ALA A 92 -2.57 -36.82 -4.74
CA ALA A 92 -3.81 -37.08 -4.02
C ALA A 92 -4.71 -35.85 -4.22
N CYS A 93 -4.11 -34.67 -4.17
CA CYS A 93 -4.87 -33.43 -4.34
C CYS A 93 -5.26 -33.18 -5.80
N LEU A 94 -4.35 -33.42 -6.73
CA LEU A 94 -4.66 -33.18 -8.16
C LEU A 94 -5.78 -34.11 -8.66
N LYS A 95 -5.92 -35.23 -7.96
CA LYS A 95 -6.98 -36.19 -8.28
C LYS A 95 -8.33 -35.64 -7.81
N LEU A 96 -8.33 -34.57 -7.01
CA LEU A 96 -9.58 -33.98 -6.53
C LEU A 96 -9.91 -32.69 -7.30
N GLY A 97 -9.05 -32.37 -8.27
CA GLY A 97 -9.23 -31.20 -9.11
C GLY A 97 -8.50 -29.92 -8.70
N VAL A 98 -7.51 -30.05 -7.83
CA VAL A 98 -6.76 -28.88 -7.38
C VAL A 98 -6.04 -28.23 -8.58
N ASP A 99 -5.83 -26.92 -8.53
CA ASP A 99 -5.24 -26.18 -9.66
C ASP A 99 -3.75 -25.86 -9.64
N ILE A 100 -3.22 -25.69 -8.44
CA ILE A 100 -1.85 -25.29 -8.23
C ILE A 100 -1.19 -26.11 -7.14
N ILE A 101 0.09 -26.39 -7.31
CA ILE A 101 0.87 -27.02 -6.27
C ILE A 101 1.93 -25.98 -5.83
N ASN A 102 1.90 -25.57 -4.57
CA ASN A 102 2.85 -24.59 -4.02
C ASN A 102 3.98 -25.33 -3.32
N ASP A 103 5.16 -25.35 -3.93
CA ASP A 103 6.30 -26.12 -3.41
C ASP A 103 7.42 -25.36 -2.72
N GLN A 104 7.48 -25.49 -1.40
CA GLN A 104 8.49 -24.84 -0.58
C GLN A 104 9.93 -25.25 -0.95
N TRP A 105 10.07 -26.34 -1.71
CA TRP A 105 11.40 -26.82 -2.16
C TRP A 105 11.64 -26.69 -3.63
N ALA A 106 10.70 -26.08 -4.35
CA ALA A 106 10.85 -25.88 -5.79
C ALA A 106 11.21 -27.20 -6.50
N GLY A 107 10.58 -28.28 -6.02
CA GLY A 107 10.81 -29.60 -6.58
C GLY A 107 12.12 -30.32 -6.22
N LEU A 108 12.89 -29.75 -5.30
CA LEU A 108 14.16 -30.34 -4.90
C LEU A 108 13.99 -31.42 -3.84
N TYR A 109 12.88 -31.35 -3.11
CA TYR A 109 12.64 -32.38 -2.10
C TYR A 109 12.23 -33.70 -2.74
N ASP A 110 11.33 -33.60 -3.72
CA ASP A 110 10.77 -34.76 -4.42
C ASP A 110 10.90 -34.49 -5.91
N HIS A 111 11.67 -35.32 -6.58
CA HIS A 111 11.91 -35.13 -7.98
C HIS A 111 10.83 -35.64 -8.93
N ARG A 112 9.74 -36.15 -8.37
CA ARG A 112 8.60 -36.64 -9.17
C ARG A 112 7.49 -35.58 -9.26
N MET A 113 7.64 -34.51 -8.49
CA MET A 113 6.70 -33.38 -8.43
C MET A 113 6.32 -32.76 -9.79
N PHE A 114 7.30 -32.32 -10.56
CA PHE A 114 7.04 -31.72 -11.87
C PHE A 114 6.26 -32.65 -12.78
N GLN A 115 6.55 -33.95 -12.69
CA GLN A 115 5.86 -34.89 -13.54
C GLN A 115 4.42 -35.07 -13.06
N VAL A 116 4.21 -35.06 -11.74
CA VAL A 116 2.86 -35.17 -11.20
C VAL A 116 2.07 -33.91 -11.59
N VAL A 117 2.64 -32.74 -11.30
CA VAL A 117 1.98 -31.47 -11.65
C VAL A 117 1.61 -31.35 -13.15
N ALA A 118 2.56 -31.65 -14.04
CA ALA A 118 2.29 -31.56 -15.47
C ALA A 118 1.29 -32.62 -15.94
N LYS A 119 1.18 -33.70 -15.20
CA LYS A 119 0.27 -34.76 -15.57
C LYS A 119 -1.19 -34.31 -15.46
N TYR A 120 -1.50 -33.50 -14.46
CA TYR A 120 -2.85 -33.00 -14.30
C TYR A 120 -2.96 -31.57 -14.83
N ASP A 121 -2.04 -31.20 -15.72
CA ASP A 121 -2.01 -29.87 -16.34
C ASP A 121 -2.10 -28.70 -15.35
N ALA A 122 -1.55 -28.89 -14.15
CA ALA A 122 -1.59 -27.86 -13.11
C ALA A 122 -0.49 -26.80 -13.20
N GLU A 123 -0.47 -25.92 -12.22
CA GLU A 123 0.50 -24.85 -12.09
C GLU A 123 1.41 -25.24 -10.93
N ILE A 124 2.56 -24.59 -10.82
CA ILE A 124 3.48 -24.87 -9.73
C ILE A 124 4.19 -23.60 -9.28
N VAL A 125 4.32 -23.45 -7.97
CA VAL A 125 5.04 -22.31 -7.40
C VAL A 125 6.38 -22.86 -6.95
N LEU A 126 7.46 -22.31 -7.46
CA LEU A 126 8.79 -22.75 -7.07
C LEU A 126 9.30 -21.69 -6.09
N MET A 127 9.42 -22.05 -4.82
CA MET A 127 9.90 -21.12 -3.80
C MET A 127 11.38 -21.30 -3.49
N HIS A 128 12.12 -20.20 -3.34
CA HIS A 128 13.53 -20.27 -3.01
C HIS A 128 13.67 -20.67 -1.54
N ASN A 129 14.43 -21.73 -1.32
CA ASN A 129 14.64 -22.33 -0.01
C ASN A 129 16.03 -22.98 -0.02
N GLY A 130 16.47 -23.45 1.14
CA GLY A 130 17.74 -24.15 1.23
C GLY A 130 19.03 -23.36 1.14
N ASN A 131 20.14 -24.09 1.19
CA ASN A 131 21.50 -23.54 1.14
C ASN A 131 21.70 -22.19 1.85
N GLY A 132 21.29 -22.15 3.13
CA GLY A 132 21.42 -20.94 3.93
C GLY A 132 22.87 -20.60 4.23
N ASN A 133 23.76 -21.54 3.91
CA ASN A 133 25.17 -21.29 4.14
C ASN A 133 25.94 -21.05 2.83
N ARG A 134 25.27 -20.35 1.91
CA ARG A 134 25.82 -19.99 0.60
C ARG A 134 26.89 -18.92 0.86
N ASP A 135 27.79 -18.76 -0.10
CA ASP A 135 28.91 -17.81 -0.03
C ASP A 135 28.94 -16.85 -1.23
N GLU A 136 27.95 -17.01 -2.10
CA GLU A 136 27.77 -16.12 -3.25
C GLU A 136 26.56 -15.28 -2.79
N PRO A 137 26.27 -14.16 -3.46
CA PRO A 137 25.13 -13.32 -3.09
C PRO A 137 23.80 -14.04 -3.23
N VAL A 138 22.89 -13.83 -2.26
CA VAL A 138 21.56 -14.46 -2.27
C VAL A 138 20.89 -14.35 -3.62
N VAL A 139 20.81 -13.13 -4.14
CA VAL A 139 20.09 -12.93 -5.38
C VAL A 139 20.54 -13.77 -6.55
N GLU A 140 21.84 -13.84 -6.81
CA GLU A 140 22.27 -14.62 -7.96
C GLU A 140 22.14 -16.12 -7.72
N GLU A 141 22.17 -16.52 -6.46
CA GLU A 141 22.06 -17.93 -6.07
C GLU A 141 20.60 -18.36 -6.23
N MET A 142 19.70 -17.47 -5.86
CA MET A 142 18.28 -17.74 -5.97
C MET A 142 17.88 -17.81 -7.44
N LEU A 143 18.35 -16.85 -8.22
CA LEU A 143 18.04 -16.85 -9.64
C LEU A 143 18.60 -18.11 -10.29
N THR A 144 19.88 -18.40 -10.06
CA THR A 144 20.49 -19.60 -10.63
C THR A 144 19.68 -20.85 -10.27
N SER A 145 19.34 -20.98 -9.01
CA SER A 145 18.56 -22.12 -8.56
C SER A 145 17.14 -22.19 -9.15
N LEU A 146 16.35 -21.14 -8.95
CA LEU A 146 14.98 -21.12 -9.43
C LEU A 146 14.88 -21.32 -10.95
N LEU A 147 15.79 -20.74 -11.71
CA LEU A 147 15.74 -20.88 -13.17
C LEU A 147 16.13 -22.28 -13.65
N ALA A 148 16.95 -22.97 -12.86
CA ALA A 148 17.39 -24.30 -13.21
C ALA A 148 16.23 -25.27 -12.96
N GLN A 149 15.51 -25.04 -11.86
CA GLN A 149 14.35 -25.84 -11.48
C GLN A 149 13.24 -25.61 -12.50
N ALA A 150 13.00 -24.34 -12.82
CA ALA A 150 12.02 -23.95 -13.82
C ALA A 150 12.35 -24.67 -15.12
N HIS A 151 13.61 -24.60 -15.54
CA HIS A 151 14.00 -25.28 -16.77
C HIS A 151 13.59 -26.76 -16.68
N GLN A 152 13.69 -27.35 -15.48
CA GLN A 152 13.36 -28.76 -15.25
C GLN A 152 11.84 -29.01 -15.23
N ALA A 153 11.08 -28.01 -14.77
CA ALA A 153 9.64 -28.11 -14.74
C ALA A 153 9.10 -28.15 -16.18
N LYS A 154 9.71 -27.38 -17.08
CA LYS A 154 9.32 -27.34 -18.49
C LYS A 154 9.66 -28.65 -19.18
N ILE A 155 10.84 -29.20 -18.87
CA ILE A 155 11.24 -30.46 -19.46
C ILE A 155 10.13 -31.46 -19.14
N ALA A 156 9.74 -31.52 -17.88
CA ALA A 156 8.68 -32.41 -17.43
C ALA A 156 7.31 -32.15 -18.04
N GLY A 157 7.12 -30.98 -18.66
CA GLY A 157 5.83 -30.67 -19.27
C GLY A 157 4.98 -29.52 -18.73
N ILE A 158 5.49 -28.74 -17.80
CA ILE A 158 4.73 -27.58 -17.27
C ILE A 158 5.08 -26.34 -18.12
N PRO A 159 4.07 -25.69 -18.74
CA PRO A 159 4.41 -24.51 -19.55
C PRO A 159 4.95 -23.41 -18.66
N SER A 160 5.87 -22.62 -19.21
CA SER A 160 6.53 -21.53 -18.50
C SER A 160 5.58 -20.56 -17.84
N ASN A 161 4.54 -20.17 -18.58
CA ASN A 161 3.58 -19.25 -18.02
C ASN A 161 2.73 -19.88 -16.92
N LYS A 162 3.11 -21.08 -16.48
CA LYS A 162 2.44 -21.75 -15.38
C LYS A 162 3.42 -22.15 -14.28
N ILE A 163 4.64 -21.62 -14.37
CA ILE A 163 5.70 -21.87 -13.40
C ILE A 163 5.90 -20.54 -12.67
N TRP A 164 5.55 -20.49 -11.38
CA TRP A 164 5.71 -19.27 -10.62
C TRP A 164 6.99 -19.28 -9.82
N LEU A 165 7.57 -18.11 -9.64
CA LEU A 165 8.77 -17.99 -8.85
C LEU A 165 8.41 -17.20 -7.58
N ASP A 166 8.93 -17.66 -6.45
CA ASP A 166 8.69 -17.07 -5.13
C ASP A 166 10.05 -16.91 -4.43
N PRO A 167 10.42 -15.68 -4.06
CA PRO A 167 11.69 -15.42 -3.38
C PRO A 167 11.87 -16.09 -2.01
N GLY A 168 10.84 -16.76 -1.51
CA GLY A 168 10.94 -17.42 -0.22
C GLY A 168 11.29 -16.58 0.99
N ILE A 169 10.80 -15.34 1.05
CA ILE A 169 11.07 -14.48 2.19
C ILE A 169 10.72 -15.26 3.45
N GLY A 170 11.69 -15.38 4.34
CA GLY A 170 11.48 -16.09 5.58
C GLY A 170 12.08 -17.49 5.58
N PHE A 171 12.76 -17.89 4.51
CA PHE A 171 13.37 -19.24 4.43
C PHE A 171 14.84 -19.27 3.99
N ALA A 172 15.69 -19.86 4.84
CA ALA A 172 17.11 -20.03 4.58
C ALA A 172 17.83 -18.74 4.23
N LYS A 173 17.38 -17.64 4.84
CA LYS A 173 17.97 -16.32 4.60
C LYS A 173 18.12 -15.48 5.86
N THR A 174 19.18 -14.69 5.87
CA THR A 174 19.51 -13.79 6.96
C THR A 174 18.74 -12.49 6.73
N ARG A 175 18.57 -11.69 7.78
CA ARG A 175 17.88 -10.40 7.62
C ARG A 175 18.57 -9.58 6.53
N ASN A 176 19.88 -9.76 6.44
CA ASN A 176 20.68 -9.07 5.45
C ASN A 176 20.27 -9.55 4.05
N GLU A 177 20.06 -10.85 3.92
CA GLU A 177 19.69 -11.42 2.63
C GLU A 177 18.24 -11.12 2.22
N GLU A 178 17.33 -11.03 3.18
CA GLU A 178 15.95 -10.71 2.86
C GLU A 178 15.84 -9.27 2.36
N ALA A 179 16.57 -8.35 2.98
CA ALA A 179 16.58 -6.95 2.58
C ALA A 179 17.21 -6.81 1.18
N GLU A 180 18.17 -7.66 0.90
CA GLU A 180 18.83 -7.62 -0.40
C GLU A 180 17.77 -7.94 -1.48
N VAL A 181 17.04 -9.02 -1.26
CA VAL A 181 15.99 -9.49 -2.17
C VAL A 181 14.83 -8.54 -2.38
N MET A 182 14.30 -7.98 -1.29
CA MET A 182 13.18 -7.07 -1.36
C MET A 182 13.50 -5.80 -2.14
N ALA A 183 14.78 -5.45 -2.16
CA ALA A 183 15.23 -4.28 -2.87
C ALA A 183 15.43 -4.58 -4.35
N ARG A 184 15.34 -5.86 -4.74
CA ARG A 184 15.58 -6.27 -6.12
C ARG A 184 14.54 -7.25 -6.68
N LEU A 185 13.28 -7.06 -6.32
CA LEU A 185 12.18 -7.93 -6.79
C LEU A 185 12.01 -7.87 -8.31
N ASP A 186 12.38 -6.74 -8.89
CA ASP A 186 12.27 -6.58 -10.34
C ASP A 186 13.17 -7.54 -11.14
N GLU A 187 14.31 -7.93 -10.57
CA GLU A 187 15.23 -8.86 -11.25
C GLU A 187 14.62 -10.25 -11.39
N LEU A 188 13.77 -10.60 -10.43
CA LEU A 188 13.07 -11.87 -10.43
C LEU A 188 11.90 -11.75 -11.41
N VAL A 189 11.27 -10.59 -11.42
CA VAL A 189 10.15 -10.32 -12.30
C VAL A 189 10.64 -10.30 -13.75
N ALA A 190 11.88 -9.87 -13.93
CA ALA A 190 12.53 -9.76 -15.22
C ALA A 190 12.78 -11.11 -15.88
N THR A 191 12.69 -12.18 -15.08
CA THR A 191 12.92 -13.53 -15.59
C THR A 191 11.79 -13.92 -16.52
N GLU A 192 10.66 -13.25 -16.33
CA GLU A 192 9.45 -13.47 -17.11
C GLU A 192 8.58 -14.65 -16.68
N TYR A 193 8.85 -15.22 -15.52
CA TYR A 193 7.98 -16.28 -15.00
C TYR A 193 7.10 -15.44 -14.07
N PRO A 194 5.80 -15.77 -13.98
CA PRO A 194 4.94 -14.97 -13.08
C PRO A 194 5.52 -15.03 -11.66
N VAL A 195 5.44 -13.93 -10.93
CA VAL A 195 6.01 -13.92 -9.60
C VAL A 195 5.04 -13.75 -8.42
N LEU A 196 5.16 -14.63 -7.44
CA LEU A 196 4.35 -14.63 -6.22
C LEU A 196 5.20 -14.14 -5.04
N LEU A 197 4.74 -13.11 -4.34
CA LEU A 197 5.44 -12.57 -3.17
C LEU A 197 4.64 -13.08 -1.98
N ALA A 198 5.33 -13.67 -1.01
CA ALA A 198 4.70 -14.23 0.18
C ALA A 198 5.49 -13.76 1.40
N THR A 199 5.11 -12.60 1.92
CA THR A 199 5.78 -11.97 3.08
C THR A 199 4.87 -11.82 4.29
N SER A 200 3.60 -12.16 4.13
CA SER A 200 2.62 -11.94 5.17
C SER A 200 2.91 -12.30 6.64
N ARG A 201 2.94 -11.26 7.49
CA ARG A 201 3.16 -11.40 8.94
C ARG A 201 4.48 -12.08 9.35
N LYS A 202 5.39 -12.22 8.39
CA LYS A 202 6.67 -12.84 8.66
C LYS A 202 7.61 -11.88 9.39
N ARG A 203 8.83 -12.35 9.63
CA ARG A 203 9.84 -11.59 10.35
C ARG A 203 10.18 -10.33 9.60
N PHE A 204 10.19 -10.41 8.28
CA PHE A 204 10.52 -9.24 7.51
C PHE A 204 9.53 -8.10 7.77
N THR A 205 8.25 -8.44 7.92
CA THR A 205 7.22 -7.45 8.17
C THR A 205 7.37 -6.94 9.60
N LYS A 206 7.90 -7.80 10.47
CA LYS A 206 8.14 -7.44 11.87
C LYS A 206 9.26 -6.40 11.98
N GLU A 207 10.26 -6.45 11.08
CA GLU A 207 11.35 -5.46 11.09
C GLU A 207 10.77 -4.14 10.60
N MET A 208 9.91 -4.21 9.58
CA MET A 208 9.26 -3.01 9.04
C MET A 208 8.51 -2.27 10.16
N MET A 209 7.79 -3.03 11.02
CA MET A 209 7.06 -2.44 12.15
C MET A 209 8.09 -1.79 13.09
N GLY A 210 9.26 -2.39 13.16
CA GLY A 210 10.30 -1.87 14.03
C GLY A 210 10.04 -2.21 15.49
N TYR A 211 9.03 -3.04 15.75
CA TYR A 211 8.72 -3.49 17.11
C TYR A 211 7.90 -4.78 17.09
N ASP A 212 7.58 -5.28 18.27
CA ASP A 212 6.86 -6.53 18.35
C ASP A 212 5.35 -6.41 18.46
N THR A 213 4.68 -7.17 17.61
CA THR A 213 3.23 -7.19 17.54
C THR A 213 2.71 -8.61 17.41
N THR A 214 1.41 -8.77 17.64
CA THR A 214 0.74 -10.03 17.46
C THR A 214 0.75 -10.13 15.92
N PRO A 215 0.51 -11.33 15.36
CA PRO A 215 0.51 -11.46 13.89
C PRO A 215 -0.41 -10.51 13.12
N VAL A 216 -1.65 -10.38 13.58
CA VAL A 216 -2.62 -9.53 12.89
C VAL A 216 -2.21 -8.08 12.70
N GLU A 217 -1.42 -7.56 13.64
CA GLU A 217 -0.99 -6.18 13.55
C GLU A 217 0.09 -5.91 12.52
N ARG A 218 0.54 -6.96 11.84
CA ARG A 218 1.54 -6.80 10.79
C ARG A 218 0.83 -6.66 9.43
N ASP A 219 -0.50 -6.63 9.44
CA ASP A 219 -1.22 -6.57 8.18
C ASP A 219 -0.95 -5.35 7.30
N GLU A 220 -0.82 -4.18 7.90
CA GLU A 220 -0.58 -2.96 7.12
C GLU A 220 0.78 -2.94 6.47
N VAL A 221 1.81 -3.40 7.18
CA VAL A 221 3.12 -3.42 6.54
C VAL A 221 3.11 -4.54 5.50
N THR A 222 2.34 -5.62 5.73
CA THR A 222 2.23 -6.68 4.72
C THR A 222 1.62 -5.98 3.50
N ALA A 223 0.51 -5.26 3.70
CA ALA A 223 -0.11 -4.55 2.59
C ALA A 223 0.84 -3.56 1.89
N ALA A 224 1.78 -2.96 2.62
CA ALA A 224 2.75 -2.08 1.97
C ALA A 224 3.62 -2.95 1.06
N THR A 225 4.01 -4.16 1.51
CA THR A 225 4.81 -5.02 0.65
C THR A 225 3.99 -5.38 -0.61
N THR A 226 2.66 -5.49 -0.46
CA THR A 226 1.79 -5.80 -1.60
C THR A 226 1.82 -4.62 -2.59
N ALA A 227 1.50 -3.41 -2.13
CA ALA A 227 1.49 -2.22 -3.00
C ALA A 227 2.81 -2.11 -3.76
N TYR A 228 3.89 -2.14 -3.00
CA TYR A 228 5.25 -2.04 -3.51
C TYR A 228 5.58 -3.15 -4.52
N GLY A 229 5.27 -4.39 -4.14
CA GLY A 229 5.52 -5.52 -5.00
C GLY A 229 4.74 -5.45 -6.29
N ILE A 230 3.52 -4.92 -6.24
CA ILE A 230 2.74 -4.81 -7.48
C ILE A 230 3.44 -3.77 -8.36
N MET A 231 3.95 -2.70 -7.75
CA MET A 231 4.67 -1.67 -8.49
C MET A 231 5.89 -2.33 -9.13
N LYS A 232 6.51 -3.26 -8.42
CA LYS A 232 7.66 -3.95 -8.97
C LYS A 232 7.30 -4.97 -10.03
N GLY A 233 6.03 -5.37 -10.09
CA GLY A 233 5.63 -6.29 -11.13
C GLY A 233 5.26 -7.71 -10.78
N VAL A 234 5.11 -8.03 -9.50
CA VAL A 234 4.72 -9.39 -9.15
C VAL A 234 3.25 -9.54 -9.56
N ARG A 235 2.88 -10.78 -9.87
CA ARG A 235 1.54 -11.10 -10.34
C ARG A 235 0.57 -11.59 -9.32
N ALA A 236 1.07 -11.95 -8.13
CA ALA A 236 0.20 -12.46 -7.08
C ALA A 236 0.85 -12.25 -5.73
N VAL A 237 0.03 -12.27 -4.69
CA VAL A 237 0.53 -12.12 -3.34
C VAL A 237 -0.21 -13.14 -2.48
N ARG A 238 0.56 -13.89 -1.66
CA ARG A 238 0.04 -14.90 -0.74
C ARG A 238 -0.10 -14.19 0.61
N VAL A 239 -1.34 -14.03 1.07
CA VAL A 239 -1.68 -13.26 2.28
C VAL A 239 -2.66 -13.88 3.27
N HIS A 240 -2.63 -13.39 4.50
CA HIS A 240 -3.55 -13.88 5.52
C HIS A 240 -4.81 -13.02 5.47
N ASN A 241 -4.62 -11.70 5.42
CA ASN A 241 -5.73 -10.75 5.37
C ASN A 241 -6.06 -10.50 3.90
N VAL A 242 -6.98 -11.30 3.39
CA VAL A 242 -7.36 -11.20 2.00
C VAL A 242 -8.00 -9.87 1.65
N GLU A 243 -8.97 -9.45 2.43
CA GLU A 243 -9.67 -8.19 2.17
C GLU A 243 -8.80 -6.93 2.12
N LEU A 244 -7.98 -6.69 3.14
CA LEU A 244 -7.13 -5.50 3.14
C LEU A 244 -6.26 -5.50 1.89
N ASN A 245 -5.65 -6.65 1.62
CA ASN A 245 -4.76 -6.80 0.49
C ASN A 245 -5.49 -6.89 -0.87
N ALA A 246 -6.69 -7.44 -0.90
CA ALA A 246 -7.41 -7.52 -2.18
C ALA A 246 -7.83 -6.10 -2.57
N LYS A 247 -8.40 -5.38 -1.61
CA LYS A 247 -8.82 -4.01 -1.85
C LYS A 247 -7.65 -3.07 -2.18
N LEU A 248 -6.51 -3.27 -1.53
CA LEU A 248 -5.30 -2.48 -1.78
C LEU A 248 -4.75 -2.81 -3.16
N ALA A 249 -4.61 -4.10 -3.46
CA ALA A 249 -4.10 -4.54 -4.76
C ALA A 249 -4.94 -3.90 -5.89
N LYS A 250 -6.25 -3.90 -5.70
CA LYS A 250 -7.21 -3.32 -6.64
C LYS A 250 -6.93 -1.83 -6.92
N GLY A 251 -6.70 -1.04 -5.88
CA GLY A 251 -6.37 0.37 -6.04
C GLY A 251 -5.08 0.56 -6.83
N ILE A 252 -4.04 -0.20 -6.46
CA ILE A 252 -2.73 -0.12 -7.13
C ILE A 252 -2.75 -0.50 -8.61
N ASP A 253 -3.46 -1.59 -8.92
CA ASP A 253 -3.62 -2.05 -10.30
C ASP A 253 -4.25 -0.97 -11.15
N PHE A 254 -5.23 -0.29 -10.57
CA PHE A 254 -5.95 0.81 -11.19
C PHE A 254 -5.00 1.99 -11.42
N LEU A 255 -4.28 2.40 -10.37
CA LEU A 255 -3.34 3.51 -10.47
C LEU A 255 -2.28 3.21 -11.53
N LYS A 256 -1.87 1.95 -11.61
CA LYS A 256 -0.87 1.55 -12.59
C LYS A 256 -1.41 1.50 -14.00
N GLU A 257 -2.64 1.01 -14.16
CA GLU A 257 -3.23 0.93 -15.49
C GLU A 257 -3.46 2.38 -15.90
N ASN A 258 -4.09 3.16 -15.04
CA ASN A 258 -4.35 4.56 -15.37
C ASN A 258 -3.07 5.27 -15.83
N GLU A 259 -1.97 5.07 -15.10
CA GLU A 259 -0.68 5.66 -15.47
C GLU A 259 -0.19 5.12 -16.83
N ASN A 260 -0.33 3.82 -17.07
CA ASN A 260 0.13 3.30 -18.36
C ASN A 260 -0.79 3.75 -19.49
N ALA A 261 -2.10 3.64 -19.29
CA ALA A 261 -3.10 4.12 -20.25
C ALA A 261 -2.77 5.56 -20.61
N ARG A 262 -2.49 6.41 -19.61
CA ARG A 262 -2.19 7.79 -19.96
C ARG A 262 -0.85 8.13 -20.58
N HIS A 263 0.07 7.16 -20.63
CA HIS A 263 1.39 7.33 -21.26
C HIS A 263 1.57 6.55 -22.57
N THR B 1 12.95 12.78 5.92
CA THR B 1 13.15 11.52 5.12
C THR B 1 11.85 10.69 5.08
N LYS B 2 11.05 10.83 6.15
CA LYS B 2 9.75 10.16 6.40
C LYS B 2 8.52 10.90 5.83
N THR B 3 7.52 10.16 5.36
CA THR B 3 6.28 10.76 4.81
C THR B 3 5.40 11.25 5.96
N LYS B 4 4.97 12.50 5.89
CA LYS B 4 4.12 13.05 6.94
C LYS B 4 2.68 12.60 6.78
N ILE B 5 2.05 12.34 7.92
CA ILE B 5 0.65 11.94 7.96
C ILE B 5 -0.17 13.07 8.59
N MET B 6 -0.94 13.77 7.76
CA MET B 6 -1.81 14.86 8.21
C MET B 6 -3.21 14.31 8.52
N GLY B 7 -3.61 14.31 9.78
CA GLY B 7 -4.92 13.78 10.12
C GLY B 7 -6.04 14.77 9.90
N ILE B 8 -7.22 14.31 9.54
CA ILE B 8 -8.32 15.25 9.31
C ILE B 8 -9.23 15.39 10.53
N LEU B 9 -9.47 16.63 10.94
CA LEU B 9 -10.37 16.88 12.06
C LEU B 9 -11.40 17.91 11.60
N ASN B 10 -12.59 17.46 11.23
CA ASN B 10 -13.60 18.42 10.81
C ASN B 10 -14.38 18.90 12.03
N VAL B 11 -14.54 20.20 12.13
CA VAL B 11 -15.20 20.79 13.28
C VAL B 11 -16.57 21.37 12.97
N THR B 12 -17.33 20.66 12.15
CA THR B 12 -18.69 21.04 11.79
C THR B 12 -19.59 20.25 12.73
N ASN B 24 -18.12 19.04 19.94
CA ASN B 24 -17.58 19.41 21.25
C ASN B 24 -16.10 19.72 21.14
N VAL B 25 -15.58 20.57 22.03
CA VAL B 25 -14.14 20.82 22.05
C VAL B 25 -13.63 19.57 22.77
N GLU B 26 -14.32 19.15 23.83
CA GLU B 26 -13.96 17.94 24.58
C GLU B 26 -13.75 16.72 23.69
N SER B 27 -14.74 16.40 22.85
CA SER B 27 -14.60 15.27 21.96
C SER B 27 -13.44 15.48 20.97
N ALA B 28 -13.29 16.72 20.49
CA ALA B 28 -12.20 17.07 19.56
C ALA B 28 -10.86 16.75 20.22
N VAL B 29 -10.71 17.19 21.46
CA VAL B 29 -9.49 16.97 22.21
C VAL B 29 -9.19 15.47 22.31
N THR B 30 -10.18 14.70 22.75
CA THR B 30 -10.00 13.25 22.85
C THR B 30 -9.62 12.66 21.47
N ARG B 31 -10.28 13.13 20.43
CA ARG B 31 -9.99 12.64 19.07
C ARG B 31 -8.57 13.02 18.65
N VAL B 32 -8.11 14.19 19.07
CA VAL B 32 -6.76 14.61 18.69
C VAL B 32 -5.76 13.67 19.33
N LYS B 33 -5.88 13.42 20.64
CA LYS B 33 -4.93 12.49 21.26
C LYS B 33 -5.02 11.13 20.58
N ALA B 34 -6.23 10.70 20.20
CA ALA B 34 -6.36 9.42 19.53
C ALA B 34 -5.58 9.48 18.20
N MET B 35 -5.66 10.60 17.49
CA MET B 35 -4.94 10.71 16.22
C MET B 35 -3.44 10.76 16.39
N MET B 36 -2.98 11.52 17.38
CA MET B 36 -1.55 11.64 17.67
C MET B 36 -1.03 10.23 17.86
N ASP B 37 -1.81 9.46 18.61
CA ASP B 37 -1.56 8.08 18.95
C ASP B 37 -1.47 7.12 17.78
N GLU B 38 -2.32 7.35 16.79
CA GLU B 38 -2.37 6.53 15.58
C GLU B 38 -1.26 6.89 14.61
N GLY B 39 -0.50 7.95 14.92
CA GLY B 39 0.59 8.33 14.06
C GLY B 39 0.52 9.66 13.32
N ALA B 40 -0.44 10.52 13.67
CA ALA B 40 -0.57 11.82 13.00
C ALA B 40 0.56 12.81 13.30
N ASP B 41 1.19 13.32 12.25
CA ASP B 41 2.26 14.30 12.39
C ASP B 41 1.62 15.67 12.50
N ILE B 42 0.64 15.93 11.64
CA ILE B 42 -0.09 17.17 11.63
C ILE B 42 -1.59 16.91 11.84
N ILE B 43 -2.24 17.71 12.68
CA ILE B 43 -3.67 17.62 12.83
C ILE B 43 -4.25 18.76 12.00
N ASP B 44 -5.02 18.46 10.97
CA ASP B 44 -5.64 19.50 10.13
C ASP B 44 -7.05 19.76 10.65
N VAL B 45 -7.28 20.95 11.21
CA VAL B 45 -8.60 21.34 11.73
C VAL B 45 -9.30 22.19 10.67
N GLY B 46 -10.59 21.95 10.47
CA GLY B 46 -11.31 22.70 9.45
C GLY B 46 -12.81 22.73 9.68
N GLY B 47 -13.43 23.86 9.39
CA GLY B 47 -14.86 23.97 9.58
C GLY B 47 -15.46 24.98 8.61
N VAL B 48 -15.22 24.80 7.32
CA VAL B 48 -15.73 25.73 6.30
C VAL B 48 -15.86 25.06 4.92
N MET B 56 -21.78 28.67 2.23
CA MET B 56 -20.85 29.71 2.64
C MET B 56 -21.27 30.40 3.93
N ILE B 57 -20.41 30.33 4.95
CA ILE B 57 -20.69 30.94 6.25
C ILE B 57 -19.85 32.19 6.48
N THR B 58 -20.14 32.85 7.58
CA THR B 58 -19.52 34.09 7.97
C THR B 58 -18.14 33.87 8.58
N VAL B 59 -17.22 34.82 8.36
CA VAL B 59 -15.89 34.73 8.98
C VAL B 59 -16.17 34.46 10.47
N GLU B 60 -16.99 35.31 11.09
CA GLU B 60 -17.37 35.17 12.50
C GLU B 60 -17.92 33.77 12.82
N GLU B 61 -18.76 33.20 11.96
CA GLU B 61 -19.30 31.85 12.21
C GLU B 61 -18.17 30.81 12.12
N GLU B 62 -17.28 30.99 11.15
CA GLU B 62 -16.18 30.05 10.99
C GLU B 62 -15.28 30.11 12.21
N LEU B 63 -15.03 31.32 12.70
CA LEU B 63 -14.19 31.46 13.88
C LEU B 63 -14.88 30.88 15.11
N ASN B 64 -16.20 30.93 15.15
CA ASN B 64 -16.96 30.41 16.29
C ASN B 64 -16.84 28.89 16.43
N ARG B 65 -16.58 28.21 15.33
CA ARG B 65 -16.42 26.76 15.30
C ARG B 65 -14.99 26.29 15.43
N VAL B 66 -14.12 26.95 14.70
CA VAL B 66 -12.74 26.55 14.68
C VAL B 66 -11.92 27.02 15.88
N LEU B 67 -12.05 28.28 16.26
CA LEU B 67 -11.28 28.83 17.38
C LEU B 67 -11.26 28.07 18.71
N PRO B 68 -12.43 27.72 19.27
CA PRO B 68 -12.43 26.99 20.55
C PRO B 68 -11.64 25.69 20.52
N VAL B 69 -11.60 25.04 19.37
CA VAL B 69 -10.87 23.80 19.21
C VAL B 69 -9.37 24.11 19.17
N VAL B 70 -8.98 25.04 18.30
CA VAL B 70 -7.58 25.39 18.18
C VAL B 70 -6.95 25.80 19.52
N GLU B 71 -7.70 26.53 20.35
CA GLU B 71 -7.22 26.95 21.68
C GLU B 71 -6.96 25.77 22.57
N ALA B 72 -7.82 24.75 22.46
CA ALA B 72 -7.69 23.57 23.28
C ALA B 72 -6.56 22.65 22.89
N ILE B 73 -6.34 22.45 21.58
CA ILE B 73 -5.33 21.51 21.10
C ILE B 73 -3.94 21.99 20.67
N VAL B 74 -3.76 23.30 20.56
CA VAL B 74 -2.50 23.83 20.08
C VAL B 74 -1.31 23.65 21.04
N GLY B 75 -1.60 23.39 22.32
CA GLY B 75 -0.55 23.16 23.29
C GLY B 75 0.07 21.78 23.17
N PHE B 76 -0.66 20.85 22.56
CA PHE B 76 -0.18 19.49 22.36
C PHE B 76 1.04 19.45 21.44
N ASP B 77 1.78 18.37 21.58
CA ASP B 77 3.00 18.13 20.85
C ASP B 77 2.77 17.50 19.49
N VAL B 78 2.19 18.28 18.60
CA VAL B 78 1.89 17.87 17.24
C VAL B 78 1.68 19.20 16.50
N LYS B 79 1.90 19.21 15.19
CA LYS B 79 1.73 20.41 14.38
C LYS B 79 0.25 20.57 14.09
N ILE B 80 -0.25 21.79 14.15
CA ILE B 80 -1.65 22.05 13.84
C ILE B 80 -1.76 22.81 12.52
N SER B 81 -2.49 22.21 11.60
CA SER B 81 -2.74 22.88 10.34
C SER B 81 -4.16 23.36 10.48
N VAL B 82 -4.47 24.45 9.81
CA VAL B 82 -5.82 24.93 9.82
C VAL B 82 -6.29 25.16 8.39
N ASP B 83 -7.31 24.40 8.01
CA ASP B 83 -7.94 24.45 6.68
C ASP B 83 -8.86 25.68 6.58
N THR B 84 -8.31 26.79 6.11
CA THR B 84 -9.08 28.01 5.96
C THR B 84 -8.55 28.80 4.76
N PHE B 85 -9.39 29.66 4.20
CA PHE B 85 -8.99 30.46 3.05
C PHE B 85 -9.20 31.97 3.26
N ARG B 86 -9.42 32.37 4.50
CA ARG B 86 -9.62 33.79 4.80
C ARG B 86 -8.62 34.19 5.87
N SER B 87 -7.82 35.20 5.54
CA SER B 87 -6.78 35.68 6.42
C SER B 87 -7.24 35.96 7.85
N GLU B 88 -8.47 36.43 8.03
CA GLU B 88 -8.99 36.69 9.37
C GLU B 88 -9.04 35.43 10.22
N VAL B 89 -9.44 34.30 9.62
CA VAL B 89 -9.51 33.03 10.36
C VAL B 89 -8.09 32.52 10.56
N ALA B 90 -7.27 32.64 9.53
CA ALA B 90 -5.89 32.20 9.61
C ALA B 90 -5.12 33.01 10.67
N GLU B 91 -5.33 34.32 10.74
CA GLU B 91 -4.62 35.16 11.72
C GLU B 91 -4.96 34.93 13.19
N ALA B 92 -6.23 34.69 13.50
CA ALA B 92 -6.58 34.44 14.89
C ALA B 92 -6.00 33.09 15.31
N CYS B 93 -6.01 32.15 14.38
CA CYS B 93 -5.48 30.83 14.63
C CYS B 93 -3.96 30.91 14.83
N LEU B 94 -3.26 31.62 13.96
CA LEU B 94 -1.81 31.80 14.09
C LEU B 94 -1.36 32.57 15.35
N LYS B 95 -2.21 33.41 15.94
CA LYS B 95 -1.81 34.10 17.18
C LYS B 95 -1.81 33.10 18.32
N LEU B 96 -2.60 32.04 18.18
CA LEU B 96 -2.70 30.99 19.19
C LEU B 96 -1.54 29.98 19.08
N GLY B 97 -0.73 30.13 18.04
CA GLY B 97 0.41 29.25 17.85
C GLY B 97 0.26 28.11 16.86
N VAL B 98 -0.57 28.31 15.83
CA VAL B 98 -0.84 27.30 14.80
C VAL B 98 0.37 27.29 13.85
N ASP B 99 0.66 26.13 13.25
CA ASP B 99 1.82 25.97 12.35
C ASP B 99 1.64 26.09 10.85
N ILE B 100 0.48 25.68 10.36
CA ILE B 100 0.21 25.64 8.93
C ILE B 100 -1.17 26.18 8.60
N ILE B 101 -1.29 26.77 7.42
CA ILE B 101 -2.58 27.19 6.94
C ILE B 101 -2.76 26.47 5.62
N ASN B 102 -3.74 25.60 5.63
CA ASN B 102 -4.08 24.75 4.51
C ASN B 102 -5.09 25.57 3.75
N ASP B 103 -4.64 26.24 2.71
CA ASP B 103 -5.55 27.10 1.97
C ASP B 103 -6.01 26.45 0.68
N GLN B 104 -7.29 26.07 0.66
CA GLN B 104 -7.93 25.46 -0.50
C GLN B 104 -7.95 26.36 -1.73
N TRP B 105 -7.77 27.66 -1.51
CA TRP B 105 -7.77 28.57 -2.64
C TRP B 105 -6.37 28.97 -3.07
N ALA B 106 -5.36 28.59 -2.29
CA ALA B 106 -3.97 28.92 -2.59
C ALA B 106 -3.77 30.43 -2.62
N GLY B 107 -4.39 31.11 -1.67
CA GLY B 107 -4.31 32.56 -1.57
C GLY B 107 -5.11 33.34 -2.60
N LEU B 108 -5.85 32.63 -3.46
CA LEU B 108 -6.64 33.28 -4.49
C LEU B 108 -7.85 33.97 -3.92
N TYR B 109 -8.47 33.36 -2.92
CA TYR B 109 -9.64 33.94 -2.31
C TYR B 109 -9.38 35.23 -1.52
N ASP B 110 -8.25 35.28 -0.81
CA ASP B 110 -7.87 36.47 -0.03
C ASP B 110 -6.34 36.68 -0.13
N HIS B 111 -5.88 37.59 -1.01
CA HIS B 111 -4.44 37.88 -1.16
C HIS B 111 -3.71 38.13 0.15
N ARG B 112 -4.41 38.61 1.17
CA ARG B 112 -3.81 38.87 2.49
C ARG B 112 -3.42 37.63 3.29
N MET B 113 -3.61 36.45 2.73
CA MET B 113 -3.24 35.22 3.43
C MET B 113 -1.74 35.13 3.47
N PHE B 114 -1.14 35.52 2.36
CA PHE B 114 0.29 35.50 2.23
C PHE B 114 0.93 36.39 3.31
N GLN B 115 0.36 37.56 3.59
CA GLN B 115 0.93 38.44 4.61
C GLN B 115 0.77 37.91 6.01
N VAL B 116 -0.38 37.32 6.29
CA VAL B 116 -0.66 36.78 7.61
C VAL B 116 0.30 35.65 7.91
N VAL B 117 0.56 34.82 6.91
CA VAL B 117 1.45 33.69 7.09
C VAL B 117 2.89 34.14 7.24
N ALA B 118 3.34 35.05 6.38
CA ALA B 118 4.71 35.54 6.44
C ALA B 118 4.97 36.10 7.83
N LYS B 119 3.95 36.77 8.33
CA LYS B 119 3.98 37.42 9.62
C LYS B 119 4.12 36.51 10.83
N TYR B 120 3.77 35.23 10.68
CA TYR B 120 3.85 34.32 11.81
C TYR B 120 4.80 33.17 11.58
N ASP B 121 5.64 33.32 10.56
CA ASP B 121 6.62 32.31 10.19
C ASP B 121 6.04 30.90 10.29
N ALA B 122 5.06 30.70 9.42
CA ALA B 122 4.30 29.48 9.35
C ALA B 122 4.42 28.88 7.96
N GLU B 123 3.82 27.71 7.78
CA GLU B 123 3.83 27.05 6.50
C GLU B 123 2.45 27.24 5.89
N ILE B 124 2.35 27.04 4.59
CA ILE B 124 1.08 27.20 3.90
C ILE B 124 1.00 26.16 2.81
N VAL B 125 -0.20 25.61 2.59
CA VAL B 125 -0.42 24.65 1.51
C VAL B 125 -1.19 25.41 0.45
N LEU B 126 -0.81 25.21 -0.80
CA LEU B 126 -1.48 25.85 -1.92
C LEU B 126 -2.19 24.76 -2.69
N MET B 127 -3.50 24.65 -2.47
CA MET B 127 -4.29 23.65 -3.17
C MET B 127 -4.79 24.16 -4.51
N HIS B 128 -4.63 23.35 -5.55
CA HIS B 128 -5.12 23.73 -6.87
C HIS B 128 -6.64 23.74 -6.78
N ASN B 129 -7.26 24.79 -7.29
CA ASN B 129 -8.71 24.96 -7.25
C ASN B 129 -9.10 25.90 -8.39
N GLY B 130 -10.41 26.07 -8.60
CA GLY B 130 -10.90 26.97 -9.64
C GLY B 130 -10.47 26.73 -11.08
N ASN B 131 -10.92 27.65 -11.93
CA ASN B 131 -10.65 27.64 -13.37
C ASN B 131 -11.13 26.35 -14.04
N GLY B 132 -12.24 25.82 -13.52
CA GLY B 132 -12.81 24.60 -14.06
C GLY B 132 -12.96 24.48 -15.57
N ASN B 133 -13.18 25.59 -16.27
CA ASN B 133 -13.37 25.48 -17.72
C ASN B 133 -12.16 25.94 -18.53
N ARG B 134 -11.01 25.71 -17.91
CA ARG B 134 -9.66 25.99 -18.42
C ARG B 134 -9.40 25.76 -19.90
N ASP B 135 -8.52 26.60 -20.46
CA ASP B 135 -8.12 26.52 -21.86
C ASP B 135 -7.21 25.30 -21.98
N GLU B 136 -6.01 25.47 -21.44
CA GLU B 136 -4.94 24.49 -21.38
C GLU B 136 -5.26 23.19 -20.64
N PRO B 137 -4.50 22.11 -20.95
CA PRO B 137 -4.72 20.82 -20.27
C PRO B 137 -4.52 21.04 -18.76
N VAL B 138 -5.20 20.24 -17.96
CA VAL B 138 -5.16 20.39 -16.50
C VAL B 138 -3.79 20.43 -15.82
N VAL B 139 -2.84 19.61 -16.27
CA VAL B 139 -1.54 19.60 -15.64
C VAL B 139 -0.78 20.90 -15.92
N GLU B 140 -0.71 21.34 -17.19
CA GLU B 140 -0.01 22.59 -17.45
C GLU B 140 -0.70 23.72 -16.65
N GLU B 141 -2.03 23.74 -16.63
CA GLU B 141 -2.78 24.78 -15.89
C GLU B 141 -2.52 24.75 -14.38
N MET B 142 -2.58 23.55 -13.80
CA MET B 142 -2.36 23.40 -12.36
C MET B 142 -0.96 23.88 -12.01
N LEU B 143 0.03 23.48 -12.80
CA LEU B 143 1.42 23.89 -12.57
C LEU B 143 1.55 25.41 -12.65
N THR B 144 1.03 25.98 -13.73
CA THR B 144 1.07 27.43 -13.96
C THR B 144 0.44 28.22 -12.80
N SER B 145 -0.76 27.80 -12.39
CA SER B 145 -1.46 28.46 -11.31
C SER B 145 -0.75 28.27 -9.97
N LEU B 146 -0.43 27.03 -9.64
CA LEU B 146 0.23 26.78 -8.38
C LEU B 146 1.59 27.50 -8.30
N LEU B 147 2.38 27.48 -9.37
CA LEU B 147 3.67 28.15 -9.31
C LEU B 147 3.50 29.65 -9.20
N ALA B 148 2.46 30.16 -9.84
CA ALA B 148 2.17 31.58 -9.78
C ALA B 148 1.81 31.96 -8.34
N GLN B 149 1.07 31.08 -7.66
CA GLN B 149 0.67 31.34 -6.26
C GLN B 149 1.86 31.27 -5.31
N ALA B 150 2.79 30.37 -5.62
CA ALA B 150 4.02 30.17 -4.85
C ALA B 150 4.85 31.46 -4.88
N HIS B 151 4.97 32.02 -6.08
CA HIS B 151 5.71 33.26 -6.29
C HIS B 151 5.13 34.39 -5.44
N GLN B 152 3.81 34.48 -5.39
CA GLN B 152 3.10 35.47 -4.57
C GLN B 152 3.40 35.27 -3.10
N ALA B 153 3.42 34.01 -2.68
CA ALA B 153 3.68 33.66 -1.28
C ALA B 153 5.04 34.21 -0.88
N LYS B 154 6.05 33.93 -1.71
CA LYS B 154 7.42 34.38 -1.48
C LYS B 154 7.63 35.87 -1.49
N ILE B 155 7.03 36.57 -2.46
CA ILE B 155 7.20 38.02 -2.50
C ILE B 155 6.45 38.68 -1.32
N ALA B 156 5.86 37.86 -0.46
CA ALA B 156 5.20 38.37 0.73
C ALA B 156 6.19 38.15 1.88
N GLY B 157 7.22 37.35 1.62
CA GLY B 157 8.22 37.11 2.63
C GLY B 157 8.17 35.73 3.25
N ILE B 158 7.38 34.84 2.67
CA ILE B 158 7.26 33.46 3.14
C ILE B 158 8.38 32.65 2.51
N PRO B 159 9.14 31.92 3.31
CA PRO B 159 10.22 31.11 2.75
C PRO B 159 9.79 30.05 1.76
N SER B 160 10.64 29.85 0.77
CA SER B 160 10.53 28.85 -0.27
C SER B 160 10.17 27.44 0.22
N ASN B 161 10.83 27.07 1.31
CA ASN B 161 10.73 25.77 1.94
C ASN B 161 9.55 25.59 2.90
N LYS B 162 8.65 26.58 2.94
CA LYS B 162 7.49 26.50 3.81
C LYS B 162 6.18 26.42 3.02
N ILE B 163 6.34 26.33 1.71
CA ILE B 163 5.22 26.25 0.78
C ILE B 163 5.02 24.85 0.23
N TRP B 164 3.83 24.31 0.44
CA TRP B 164 3.46 23.00 -0.07
C TRP B 164 2.47 23.18 -1.20
N LEU B 165 2.48 22.24 -2.13
CA LEU B 165 1.55 22.26 -3.24
C LEU B 165 0.62 21.04 -3.08
N ASP B 166 -0.64 21.20 -3.45
CA ASP B 166 -1.62 20.13 -3.34
C ASP B 166 -2.36 20.11 -4.68
N PRO B 167 -2.44 18.94 -5.35
CA PRO B 167 -3.12 18.90 -6.65
C PRO B 167 -4.61 19.19 -6.60
N GLY B 168 -5.15 19.13 -5.39
CA GLY B 168 -6.56 19.40 -5.19
C GLY B 168 -7.49 18.40 -5.82
N ILE B 169 -7.33 17.13 -5.48
CA ILE B 169 -8.23 16.11 -5.99
C ILE B 169 -9.61 16.41 -5.40
N GLY B 170 -10.61 16.44 -6.26
CA GLY B 170 -11.96 16.73 -5.85
C GLY B 170 -12.36 18.16 -6.13
N PHE B 171 -11.48 18.98 -6.70
CA PHE B 171 -11.84 20.36 -6.97
C PHE B 171 -11.61 20.81 -8.40
N ALA B 172 -12.62 21.48 -8.95
CA ALA B 172 -12.62 22.05 -10.29
C ALA B 172 -12.02 21.19 -11.39
N LYS B 173 -12.18 19.88 -11.27
CA LYS B 173 -11.66 18.95 -12.28
C LYS B 173 -12.65 17.83 -12.64
N THR B 174 -12.74 17.49 -13.91
CA THR B 174 -13.66 16.44 -14.34
C THR B 174 -13.03 15.09 -14.00
N ARG B 175 -13.79 13.99 -14.09
CA ARG B 175 -13.26 12.63 -13.82
C ARG B 175 -11.99 12.34 -14.61
N ASN B 176 -12.03 12.77 -15.85
CA ASN B 176 -10.94 12.58 -16.77
C ASN B 176 -9.72 13.42 -16.40
N GLU B 177 -9.97 14.64 -15.92
CA GLU B 177 -8.88 15.53 -15.56
C GLU B 177 -8.12 15.01 -14.35
N GLU B 178 -8.83 14.50 -13.35
CA GLU B 178 -8.20 13.96 -12.15
C GLU B 178 -7.43 12.68 -12.44
N ALA B 179 -7.93 11.88 -13.37
CA ALA B 179 -7.25 10.64 -13.73
C ALA B 179 -5.93 11.00 -14.39
N GLU B 180 -5.92 12.11 -15.12
CA GLU B 180 -4.73 12.61 -15.79
C GLU B 180 -3.74 13.07 -14.74
N VAL B 181 -4.24 13.85 -13.80
CA VAL B 181 -3.46 14.38 -12.71
C VAL B 181 -2.85 13.25 -11.89
N MET B 182 -3.61 12.19 -11.63
CA MET B 182 -3.08 11.09 -10.82
C MET B 182 -2.08 10.17 -11.50
N ALA B 183 -1.97 10.29 -12.82
CA ALA B 183 -1.03 9.50 -13.60
C ALA B 183 0.24 10.30 -13.82
N ARG B 184 0.27 11.53 -13.34
CA ARG B 184 1.43 12.38 -13.56
C ARG B 184 1.85 13.18 -12.34
N LEU B 185 1.73 12.56 -11.18
CA LEU B 185 2.11 13.21 -9.93
C LEU B 185 3.58 13.60 -9.89
N ASP B 186 4.42 12.85 -10.61
CA ASP B 186 5.87 13.10 -10.67
C ASP B 186 6.24 14.51 -11.13
N GLU B 187 5.43 15.06 -12.03
CA GLU B 187 5.63 16.41 -12.54
C GLU B 187 5.30 17.49 -11.51
N LEU B 188 4.42 17.18 -10.56
CA LEU B 188 4.11 18.14 -9.50
C LEU B 188 5.26 18.02 -8.50
N VAL B 189 5.65 16.79 -8.20
CA VAL B 189 6.76 16.54 -7.28
C VAL B 189 8.01 17.23 -7.85
N ALA B 190 8.21 17.10 -9.16
CA ALA B 190 9.36 17.71 -9.84
C ALA B 190 9.54 19.23 -9.66
N THR B 191 8.53 19.93 -9.14
CA THR B 191 8.65 21.38 -8.94
C THR B 191 9.49 21.68 -7.68
N GLU B 192 9.84 20.60 -7.01
CA GLU B 192 10.66 20.58 -5.80
C GLU B 192 10.01 21.13 -4.54
N TYR B 193 8.76 21.59 -4.65
CA TYR B 193 8.06 22.05 -3.46
C TYR B 193 7.54 20.76 -2.85
N PRO B 194 7.41 20.72 -1.52
CA PRO B 194 6.89 19.49 -0.91
C PRO B 194 5.40 19.29 -1.30
N VAL B 195 5.03 18.10 -1.77
CA VAL B 195 3.66 17.85 -2.18
C VAL B 195 2.77 17.08 -1.20
N LEU B 196 1.63 17.66 -0.88
CA LEU B 196 0.65 17.00 -0.02
C LEU B 196 -0.42 16.34 -0.91
N LEU B 197 -0.59 15.02 -0.80
CA LEU B 197 -1.65 14.34 -1.56
C LEU B 197 -2.87 14.28 -0.64
N ALA B 198 -4.04 14.65 -1.15
CA ALA B 198 -5.27 14.68 -0.38
C ALA B 198 -6.45 14.17 -1.22
N THR B 199 -6.63 12.84 -1.20
CA THR B 199 -7.67 12.15 -1.97
C THR B 199 -8.66 11.40 -1.07
N SER B 200 -8.33 11.27 0.21
CA SER B 200 -9.13 10.50 1.16
C SER B 200 -10.67 10.49 1.11
N ARG B 201 -11.20 9.33 0.70
CA ARG B 201 -12.64 9.10 0.65
C ARG B 201 -13.37 9.98 -0.34
N LYS B 202 -12.65 10.54 -1.29
CA LYS B 202 -13.24 11.44 -2.28
C LYS B 202 -13.87 10.68 -3.43
N ARG B 203 -14.53 11.38 -4.34
CA ARG B 203 -15.18 10.75 -5.48
C ARG B 203 -14.18 9.87 -6.22
N PHE B 204 -12.96 10.38 -6.36
CA PHE B 204 -11.92 9.66 -7.06
C PHE B 204 -11.68 8.30 -6.40
N THR B 205 -11.72 8.24 -5.07
CA THR B 205 -11.48 6.96 -4.42
C THR B 205 -12.73 6.08 -4.49
N LYS B 206 -13.89 6.74 -4.58
CA LYS B 206 -15.15 6.03 -4.66
C LYS B 206 -15.11 5.30 -5.99
N GLU B 207 -14.62 5.98 -7.02
CA GLU B 207 -14.57 5.37 -8.32
C GLU B 207 -13.48 4.35 -8.55
N MET B 208 -12.48 4.36 -7.67
CA MET B 208 -11.42 3.36 -7.76
C MET B 208 -12.08 2.04 -7.36
N MET B 209 -12.97 2.11 -6.36
CA MET B 209 -13.75 0.97 -5.86
C MET B 209 -14.72 0.49 -6.95
N GLY B 210 -15.21 1.46 -7.73
CA GLY B 210 -16.10 1.16 -8.83
C GLY B 210 -17.59 1.14 -8.58
N TYR B 211 -18.03 1.43 -7.36
CA TYR B 211 -19.46 1.46 -7.08
C TYR B 211 -19.80 2.58 -6.11
N ASP B 212 -21.06 2.68 -5.71
CA ASP B 212 -21.43 3.78 -4.83
C ASP B 212 -21.21 3.32 -3.42
N THR B 213 -19.95 3.34 -3.01
CA THR B 213 -19.57 2.90 -1.68
C THR B 213 -19.86 3.97 -0.65
N THR B 214 -19.92 3.58 0.61
CA THR B 214 -20.11 4.56 1.66
C THR B 214 -18.66 5.08 1.89
N PRO B 215 -18.50 6.27 2.52
CA PRO B 215 -17.21 6.91 2.81
C PRO B 215 -16.15 6.01 3.42
N VAL B 216 -16.47 5.42 4.56
CA VAL B 216 -15.56 4.53 5.29
C VAL B 216 -15.04 3.39 4.41
N GLU B 217 -15.90 2.88 3.52
CA GLU B 217 -15.51 1.80 2.62
C GLU B 217 -14.35 2.22 1.71
N ARG B 218 -14.04 3.51 1.67
CA ARG B 218 -12.98 4.01 0.81
C ARG B 218 -11.57 4.10 1.43
N ASP B 219 -11.43 3.69 2.68
CA ASP B 219 -10.13 3.75 3.33
C ASP B 219 -9.05 2.92 2.67
N GLU B 220 -9.37 1.70 2.26
CA GLU B 220 -8.36 0.89 1.60
C GLU B 220 -7.85 1.44 0.26
N VAL B 221 -8.71 2.09 -0.54
CA VAL B 221 -8.25 2.61 -1.83
C VAL B 221 -7.52 3.90 -1.58
N THR B 222 -7.89 4.60 -0.51
CA THR B 222 -7.20 5.82 -0.11
C THR B 222 -5.77 5.43 0.27
N ALA B 223 -5.63 4.38 1.08
CA ALA B 223 -4.31 3.87 1.46
C ALA B 223 -3.48 3.50 0.21
N ALA B 224 -4.16 3.07 -0.85
CA ALA B 224 -3.50 2.73 -2.10
C ALA B 224 -2.88 3.99 -2.71
N THR B 225 -3.62 5.11 -2.67
CA THR B 225 -3.13 6.38 -3.21
C THR B 225 -1.92 6.86 -2.42
N THR B 226 -1.94 6.62 -1.12
CA THR B 226 -0.85 6.96 -0.23
C THR B 226 0.42 6.24 -0.68
N ALA B 227 0.34 4.92 -0.79
CA ALA B 227 1.50 4.12 -1.18
C ALA B 227 2.02 4.61 -2.53
N TYR B 228 1.12 4.65 -3.50
CA TYR B 228 1.43 5.07 -4.86
C TYR B 228 2.02 6.47 -4.89
N GLY B 229 1.43 7.38 -4.12
CA GLY B 229 1.89 8.75 -4.06
C GLY B 229 3.28 8.85 -3.45
N ILE B 230 3.48 8.19 -2.31
CA ILE B 230 4.79 8.19 -1.65
C ILE B 230 5.87 7.71 -2.62
N MET B 231 5.50 6.77 -3.47
CA MET B 231 6.44 6.26 -4.44
C MET B 231 6.65 7.22 -5.58
N LYS B 232 5.72 8.13 -5.77
CA LYS B 232 5.90 9.13 -6.78
C LYS B 232 6.65 10.31 -6.19
N GLY B 233 6.88 10.30 -4.87
CA GLY B 233 7.61 11.38 -4.23
C GLY B 233 6.85 12.41 -3.39
N VAL B 234 5.56 12.18 -3.21
CA VAL B 234 4.69 13.03 -2.40
C VAL B 234 5.33 13.08 -0.98
N ARG B 235 5.32 14.21 -0.28
CA ARG B 235 5.95 14.20 1.05
C ARG B 235 4.96 14.11 2.22
N ALA B 236 3.66 14.30 1.96
CA ALA B 236 2.63 14.22 3.00
C ALA B 236 1.35 13.69 2.37
N VAL B 237 0.47 13.15 3.21
CA VAL B 237 -0.83 12.66 2.78
C VAL B 237 -1.83 13.16 3.83
N ARG B 238 -2.95 13.68 3.34
CA ARG B 238 -4.01 14.20 4.20
C ARG B 238 -5.08 13.12 4.30
N VAL B 239 -5.36 12.60 5.51
CA VAL B 239 -6.31 11.47 5.61
C VAL B 239 -7.29 11.37 6.79
N HIS B 240 -8.39 10.63 6.59
CA HIS B 240 -9.39 10.42 7.64
C HIS B 240 -8.90 9.28 8.53
N ASN B 241 -8.52 8.19 7.90
CA ASN B 241 -8.05 7.04 8.66
C ASN B 241 -6.54 7.17 8.85
N VAL B 242 -6.17 7.67 10.03
CA VAL B 242 -4.78 7.90 10.40
C VAL B 242 -3.98 6.60 10.51
N GLU B 243 -4.39 5.73 11.42
CA GLU B 243 -3.71 4.47 11.64
C GLU B 243 -3.38 3.69 10.37
N LEU B 244 -4.36 3.47 9.51
CA LEU B 244 -4.13 2.72 8.29
C LEU B 244 -3.06 3.37 7.43
N ASN B 245 -3.18 4.66 7.18
CA ASN B 245 -2.18 5.36 6.37
C ASN B 245 -0.84 5.53 7.07
N ALA B 246 -0.86 5.84 8.37
CA ALA B 246 0.37 6.00 9.14
C ALA B 246 1.21 4.74 8.97
N LYS B 247 0.59 3.59 9.22
CA LYS B 247 1.27 2.29 9.08
C LYS B 247 1.55 1.80 7.67
N LEU B 248 0.69 2.13 6.72
CA LEU B 248 0.98 1.69 5.36
C LEU B 248 2.18 2.54 4.87
N ALA B 249 2.18 3.82 5.21
CA ALA B 249 3.24 4.74 4.79
C ALA B 249 4.57 4.35 5.40
N LYS B 250 4.55 3.98 6.67
CA LYS B 250 5.76 3.55 7.36
C LYS B 250 6.42 2.45 6.53
N GLY B 251 5.62 1.44 6.19
CA GLY B 251 6.09 0.33 5.40
C GLY B 251 6.67 0.72 4.06
N ILE B 252 5.98 1.60 3.32
CA ILE B 252 6.46 2.06 2.01
C ILE B 252 7.76 2.84 2.15
N ASP B 253 7.81 3.77 3.10
CA ASP B 253 9.03 4.56 3.36
C ASP B 253 10.19 3.60 3.55
N PHE B 254 9.95 2.60 4.41
CA PHE B 254 10.92 1.55 4.69
C PHE B 254 11.39 0.87 3.41
N LEU B 255 10.46 0.48 2.56
CA LEU B 255 10.85 -0.20 1.33
C LEU B 255 11.71 0.62 0.38
N LYS B 256 11.41 1.91 0.24
CA LYS B 256 12.19 2.78 -0.66
C LYS B 256 13.60 2.97 -0.11
N GLU B 257 13.69 3.25 1.19
CA GLU B 257 14.97 3.46 1.87
C GLU B 257 15.83 2.19 1.74
N ASN B 258 15.22 1.05 2.03
CA ASN B 258 15.92 -0.21 1.90
C ASN B 258 16.39 -0.38 0.46
N GLU B 259 15.56 0.00 -0.51
CA GLU B 259 15.95 -0.12 -1.92
C GLU B 259 17.14 0.77 -2.25
N ASN B 260 17.14 2.00 -1.72
CA ASN B 260 18.23 2.95 -1.99
C ASN B 260 19.48 2.42 -1.38
N ALA B 261 19.38 1.99 -0.12
CA ALA B 261 20.51 1.44 0.61
C ALA B 261 21.20 0.29 -0.12
N ARG B 262 20.42 -0.72 -0.47
CA ARG B 262 20.97 -1.88 -1.16
C ARG B 262 21.51 -1.53 -2.55
N HIS B 263 21.05 -0.43 -3.14
CA HIS B 263 21.58 -0.01 -4.45
C HIS B 263 22.57 1.13 -4.29
N ASN B 264 22.85 1.55 -3.06
CA ASN B 264 23.79 2.65 -2.83
C ASN B 264 23.34 3.87 -3.59
N PHE B 265 22.02 4.05 -3.63
CA PHE B 265 21.46 5.16 -4.33
C PHE B 265 21.17 6.14 -3.23
N SER B 266 21.29 7.40 -3.56
CA SER B 266 21.00 8.42 -2.60
C SER B 266 20.20 9.47 -3.35
#